data_3FA5
#
_entry.id   3FA5
#
_cell.length_a   92.579
_cell.length_b   139.567
_cell.length_c   45.765
_cell.angle_alpha   90.000
_cell.angle_beta   90.000
_cell.angle_gamma   90.000
#
_symmetry.space_group_name_H-M   'P 21 21 2'
#
loop_
_entity.id
_entity.type
_entity.pdbx_description
1 polymer 'protein of unknown function (DUF849)'
2 non-polymer 'MAGNESIUM ION'
3 non-polymer 1,2-ETHANEDIOL
4 non-polymer 'CHLORIDE ION'
5 water water
#
_entity_poly.entity_id   1
_entity_poly.type   'polypeptide(L)'
_entity_poly.pdbx_seq_one_letter_code
;G(MSE)SDPAGKPCIICVAITGSLPTKENNPAVPITLAEQVESTHEAFEAGASIAHCHVRDDEGRPTSDPDRFAALKEGL
ERHCPG(MSE)IVQLSTGGRSGAGQARGA(MSE)LPLCPD(MSE)ASLSVGSNNFPTRVYENPPDLVDWLAAE(MSE)LK
YDIKPEIEAFDLSHILQAKR(MSE)AGDGRLAGTPYVQFV(MSE)GVRNA(MSE)PADRDVFDYYIHTVRRLFGEDAPWC
AAGIGPSQIVLNEWAISSGGHARTGLEDNVRLDRDRLAPSNAALVGRAVELCEKYERPVATWRQARQILGLR(MSE)V
;
_entity_poly.pdbx_strand_id   A,B
#
# COMPACT_ATOMS: atom_id res chain seq x y z
N GLY A 7 -10.37 15.08 28.20
CA GLY A 7 -9.65 14.64 29.42
C GLY A 7 -9.14 13.21 29.32
N LYS A 8 -9.04 12.67 28.11
CA LYS A 8 -8.65 11.26 27.90
C LYS A 8 -7.10 11.09 27.82
N PRO A 9 -6.52 10.13 28.58
CA PRO A 9 -5.06 10.13 28.60
C PRO A 9 -4.42 9.78 27.27
N CYS A 10 -3.30 10.43 26.99
CA CYS A 10 -2.54 10.27 25.78
C CYS A 10 -1.18 9.63 26.06
N ILE A 11 -0.94 8.47 25.48
CA ILE A 11 0.33 7.77 25.65
C ILE A 11 1.34 8.34 24.66
N ILE A 12 2.57 8.64 25.11
CA ILE A 12 3.59 9.16 24.21
C ILE A 12 4.64 8.10 24.06
N CYS A 13 4.95 7.81 22.81
CA CYS A 13 5.93 6.82 22.45
C CYS A 13 7.12 7.57 21.90
N VAL A 14 8.32 7.13 22.26
CA VAL A 14 9.52 7.80 21.75
C VAL A 14 10.35 6.78 20.99
N ALA A 15 10.55 7.03 19.71
CA ALA A 15 11.38 6.12 18.88
C ALA A 15 12.81 6.71 18.87
N ILE A 16 13.71 6.09 19.63
CA ILE A 16 14.91 6.78 20.10
C ILE A 16 16.09 6.88 19.09
N THR A 17 16.21 5.92 18.18
CA THR A 17 17.43 5.69 17.41
C THR A 17 17.16 5.34 15.93
N GLY A 18 16.25 4.41 15.69
CA GLY A 18 16.01 3.96 14.35
C GLY A 18 17.22 3.33 13.69
N SER A 19 17.14 3.21 12.37
CA SER A 19 18.12 2.46 11.59
C SER A 19 19.07 3.35 10.83
N LEU A 20 18.53 4.47 10.36
CA LEU A 20 19.21 5.41 9.48
C LEU A 20 19.90 6.66 10.10
N PRO A 21 19.31 7.27 11.14
CA PRO A 21 19.95 8.48 11.66
C PRO A 21 21.37 8.25 12.19
N THR A 22 22.23 9.22 11.96
CA THR A 22 23.59 9.18 12.47
C THR A 22 23.90 10.42 13.29
N LYS A 23 25.05 10.38 13.94
CA LYS A 23 25.51 11.54 14.68
C LYS A 23 25.67 12.75 13.77
N GLU A 24 26.00 12.52 12.48
CA GLU A 24 26.12 13.63 11.54
C GLU A 24 24.77 14.28 11.27
N ASN A 25 23.66 13.54 11.31
CA ASN A 25 22.33 14.17 11.20
C ASN A 25 22.04 15.02 12.45
N ASN A 26 22.34 14.45 13.61
CA ASN A 26 22.13 15.13 14.89
C ASN A 26 22.96 14.39 15.94
N PRO A 27 23.87 15.11 16.64
CA PRO A 27 24.73 14.46 17.64
C PRO A 27 23.94 13.91 18.86
N ALA A 28 22.71 14.39 19.02
CA ALA A 28 21.77 13.88 20.04
C ALA A 28 21.29 12.43 19.79
N VAL A 29 21.46 11.90 18.57
CA VAL A 29 21.06 10.55 18.24
C VAL A 29 21.87 9.56 19.06
N PRO A 30 21.18 8.76 19.92
CA PRO A 30 21.84 7.75 20.73
C PRO A 30 22.17 6.49 19.96
N ILE A 31 23.43 6.05 20.03
CA ILE A 31 23.94 4.93 19.20
C ILE A 31 24.45 3.80 20.05
N THR A 32 25.15 4.13 21.13
CA THR A 32 25.71 3.13 22.03
C THR A 32 24.67 2.83 23.09
N LEU A 33 24.85 1.69 23.77
CA LEU A 33 23.93 1.26 24.85
C LEU A 33 23.77 2.34 25.89
N ALA A 34 24.91 2.90 26.32
CA ALA A 34 24.92 3.93 27.34
C ALA A 34 24.15 5.15 26.87
N GLU A 35 24.33 5.58 25.62
CA GLU A 35 23.57 6.74 25.13
C GLU A 35 22.05 6.48 25.09
N GLN A 36 21.69 5.30 24.62
CA GLN A 36 20.26 4.96 24.45
C GLN A 36 19.54 4.93 25.81
N VAL A 37 20.19 4.33 26.81
CA VAL A 37 19.67 4.40 28.20
C VAL A 37 19.48 5.85 28.71
N GLU A 38 20.53 6.67 28.68
CA GLU A 38 20.37 8.08 29.06
C GLU A 38 19.32 8.82 28.26
N SER A 39 19.42 8.75 26.93
CA SER A 39 18.47 9.46 26.10
C SER A 39 17.02 9.00 26.40
N THR A 40 16.83 7.69 26.54
CA THR A 40 15.48 7.14 26.78
C THR A 40 14.98 7.55 28.18
N HIS A 41 15.87 7.55 29.17
CA HIS A 41 15.50 7.97 30.52
C HIS A 41 15.03 9.41 30.52
N GLU A 42 15.78 10.23 29.83
CA GLU A 42 15.43 11.63 29.63
C GLU A 42 14.04 11.77 29.02
N ALA A 43 13.78 10.97 27.97
CA ALA A 43 12.48 11.04 27.29
C ALA A 43 11.38 10.50 28.19
N PHE A 44 11.67 9.39 28.89
CA PHE A 44 10.76 8.86 29.94
C PHE A 44 10.38 9.96 30.98
N GLU A 45 11.37 10.65 31.57
CA GLU A 45 11.06 11.74 32.50
C GLU A 45 10.26 12.86 31.83
N ALA A 46 10.50 13.16 30.55
CA ALA A 46 9.70 14.21 29.90
C ALA A 46 8.26 13.77 29.60
N GLY A 47 7.99 12.48 29.72
CA GLY A 47 6.61 11.98 29.61
C GLY A 47 6.35 10.81 28.64
N ALA A 48 7.37 10.31 27.95
CA ALA A 48 7.18 9.12 27.11
C ALA A 48 7.02 7.88 27.95
N SER A 49 6.09 7.00 27.58
CA SER A 49 5.84 5.75 28.35
C SER A 49 6.06 4.46 27.56
N ILE A 50 6.29 4.58 26.24
CA ILE A 50 6.81 3.47 25.39
C ILE A 50 8.12 3.93 24.73
N ALA A 51 9.14 3.06 24.76
CA ALA A 51 10.39 3.23 24.06
C ALA A 51 10.39 2.24 22.89
N HIS A 52 10.40 2.80 21.67
CA HIS A 52 10.49 1.98 20.46
C HIS A 52 11.96 1.91 20.13
N CYS A 53 12.51 0.71 20.30
CA CYS A 53 13.94 0.46 20.22
C CYS A 53 14.51 -0.22 18.98
N HIS A 54 15.49 0.42 18.35
CA HIS A 54 16.44 -0.29 17.46
C HIS A 54 17.82 -0.39 18.16
N VAL A 55 18.68 -1.27 17.66
CA VAL A 55 20.06 -1.28 18.13
C VAL A 55 21.04 -1.09 16.97
N ARG A 56 22.26 -0.66 17.30
CA ARG A 56 23.33 -0.43 16.29
C ARG A 56 24.58 -1.23 16.69
N ASP A 57 25.38 -1.61 15.71
CA ASP A 57 26.61 -2.32 16.02
C ASP A 57 27.73 -1.38 16.53
N ASP A 58 28.94 -1.92 16.71
CA ASP A 58 30.09 -1.13 17.18
C ASP A 58 30.48 0.00 16.23
N GLU A 59 30.11 -0.13 14.96
CA GLU A 59 30.43 0.89 13.96
C GLU A 59 29.26 1.80 13.78
N GLY A 60 28.20 1.64 14.56
CA GLY A 60 27.00 2.48 14.45
C GLY A 60 26.00 2.08 13.37
N ARG A 61 26.13 0.86 12.85
CA ARG A 61 25.26 0.42 11.76
C ARG A 61 24.09 -0.41 12.27
N PRO A 62 22.92 -0.31 11.62
CA PRO A 62 21.75 -1.06 12.05
C PRO A 62 22.02 -2.55 12.12
N THR A 63 21.40 -3.20 13.10
CA THR A 63 21.60 -4.62 13.36
C THR A 63 20.38 -5.15 14.11
N SER A 64 20.11 -6.44 14.04
CA SER A 64 19.03 -7.04 14.84
C SER A 64 19.58 -7.88 15.96
N ASP A 65 20.88 -7.77 16.24
CA ASP A 65 21.57 -8.61 17.22
C ASP A 65 20.77 -8.74 18.54
N PRO A 66 20.31 -9.95 18.84
CA PRO A 66 19.41 -10.05 19.99
C PRO A 66 20.11 -9.78 21.31
N ASP A 67 21.41 -9.99 21.35
CA ASP A 67 22.16 -9.72 22.58
C ASP A 67 22.24 -8.22 22.86
N ARG A 68 22.42 -7.42 21.82
CA ARG A 68 22.37 -5.98 21.97
C ARG A 68 21.00 -5.59 22.45
N PHE A 69 19.96 -6.16 21.86
CA PHE A 69 18.58 -5.91 22.30
C PHE A 69 18.38 -6.34 23.77
N ALA A 70 18.90 -7.50 24.16
CA ALA A 70 18.82 -7.99 25.52
C ALA A 70 19.46 -6.97 26.50
N ALA A 71 20.59 -6.40 26.08
CA ALA A 71 21.33 -5.45 26.90
C ALA A 71 20.53 -4.15 27.06
N LEU A 72 19.94 -3.65 25.98
CA LEU A 72 19.14 -2.43 26.04
C LEU A 72 17.85 -2.63 26.86
N LYS A 73 17.15 -3.73 26.63
CA LYS A 73 15.89 -4.02 27.34
C LYS A 73 16.11 -4.01 28.87
N GLU A 74 17.21 -4.64 29.28
CA GLU A 74 17.59 -4.70 30.70
C GLU A 74 17.94 -3.33 31.26
N GLY A 75 18.70 -2.58 30.50
CA GLY A 75 18.98 -1.20 30.85
C GLY A 75 17.72 -0.39 31.05
N LEU A 76 16.77 -0.52 30.15
CA LEU A 76 15.55 0.33 30.28
C LEU A 76 14.69 -0.16 31.44
N GLU A 77 14.73 -1.47 31.72
CA GLU A 77 13.90 -2.03 32.77
C GLU A 77 14.45 -1.62 34.13
N ARG A 78 15.77 -1.40 34.18
CA ARG A 78 16.41 -0.95 35.40
C ARG A 78 16.39 0.57 35.62
N HIS A 79 16.68 1.31 34.56
CA HIS A 79 16.76 2.75 34.66
C HIS A 79 15.40 3.47 34.47
N CYS A 80 14.45 2.79 33.83
CA CYS A 80 13.11 3.33 33.57
C CYS A 80 12.05 2.31 33.93
N PRO A 81 12.03 1.84 35.20
CA PRO A 81 11.09 0.77 35.55
C PRO A 81 9.67 1.25 35.38
N GLY A 82 8.84 0.38 34.82
CA GLY A 82 7.48 0.74 34.42
C GLY A 82 7.34 1.05 32.93
N ILE A 84 7.17 0.95 29.03
CA ILE A 84 6.85 -0.15 28.09
C ILE A 84 7.98 -0.27 27.06
N VAL A 85 8.59 -1.45 27.02
CA VAL A 85 9.67 -1.72 26.08
C VAL A 85 9.10 -2.37 24.75
N GLN A 86 9.34 -1.69 23.62
CA GLN A 86 8.89 -2.13 22.30
C GLN A 86 10.06 -2.36 21.35
N LEU A 87 10.30 -3.62 20.94
CA LEU A 87 11.45 -3.90 20.12
C LEU A 87 11.06 -3.90 18.61
N SER A 88 11.96 -3.37 17.77
CA SER A 88 11.76 -3.29 16.32
C SER A 88 11.99 -4.64 15.63
N THR A 89 11.04 -5.05 14.77
CA THR A 89 11.24 -6.15 13.81
C THR A 89 11.48 -5.58 12.40
N GLY A 90 12.03 -4.37 12.34
CA GLY A 90 12.21 -3.65 11.09
C GLY A 90 13.13 -4.33 10.09
N GLY A 91 12.83 -4.11 8.81
CA GLY A 91 13.51 -4.78 7.68
C GLY A 91 14.75 -4.08 7.16
N ARG A 92 15.04 -2.89 7.70
CA ARG A 92 16.31 -2.19 7.45
C ARG A 92 17.48 -2.75 8.26
N SER A 93 17.19 -3.33 9.42
CA SER A 93 18.25 -3.89 10.30
C SER A 93 18.45 -5.41 10.17
N GLY A 94 17.70 -6.06 9.29
CA GLY A 94 17.72 -7.53 9.19
C GLY A 94 16.82 -8.01 8.07
N ALA A 95 17.01 -9.27 7.63
CA ALA A 95 16.19 -9.91 6.57
C ALA A 95 15.60 -11.23 7.03
N GLY A 96 14.35 -11.50 6.62
CA GLY A 96 13.69 -12.76 6.99
C GLY A 96 13.55 -12.95 8.50
N GLN A 97 13.68 -14.19 8.97
CA GLN A 97 13.46 -14.48 10.37
C GLN A 97 14.47 -13.83 11.36
N ALA A 98 15.58 -13.33 10.84
CA ALA A 98 16.51 -12.53 11.65
C ALA A 98 15.79 -11.32 12.32
N ARG A 99 14.75 -10.82 11.67
CA ARG A 99 14.01 -9.68 12.17
C ARG A 99 13.12 -10.01 13.40
N GLY A 100 13.05 -11.31 13.72
CA GLY A 100 12.28 -11.79 14.85
C GLY A 100 13.14 -12.52 15.86
N ALA A 101 14.47 -12.47 15.70
CA ALA A 101 15.36 -13.19 16.61
C ALA A 101 15.46 -12.55 18.00
N LEU A 103 12.61 -11.56 19.59
CA LEU A 103 11.27 -11.73 20.17
C LEU A 103 11.24 -12.70 21.39
N PRO A 104 12.12 -13.69 21.43
CA PRO A 104 12.11 -14.56 22.59
C PRO A 104 12.57 -13.85 23.88
N LEU A 105 13.06 -12.61 23.78
CA LEU A 105 13.35 -11.86 24.99
C LEU A 105 12.06 -11.51 25.75
N CYS A 106 10.91 -11.66 25.11
CA CYS A 106 9.64 -11.37 25.72
C CYS A 106 9.47 -9.89 26.13
N PRO A 107 9.68 -8.96 25.20
CA PRO A 107 9.35 -7.57 25.49
C PRO A 107 7.84 -7.34 25.59
N ASP A 108 7.42 -6.25 26.23
CA ASP A 108 6.01 -5.88 26.26
C ASP A 108 5.44 -5.89 24.85
N ALA A 110 6.37 -5.38 20.34
CA ALA A 110 7.25 -5.33 19.14
C ALA A 110 6.48 -4.60 18.06
N SER A 111 7.15 -3.85 17.22
CA SER A 111 6.57 -3.29 16.00
C SER A 111 6.33 -4.42 14.97
N LEU A 112 5.29 -4.28 14.14
CA LEU A 112 4.98 -5.25 13.08
C LEU A 112 4.36 -4.60 11.86
N SER A 113 4.99 -4.92 10.73
CA SER A 113 4.46 -4.49 9.43
C SER A 113 3.69 -5.71 8.94
N VAL A 114 2.50 -5.44 8.46
CA VAL A 114 1.61 -6.50 7.93
C VAL A 114 1.31 -6.34 6.42
N GLY A 115 2.05 -5.44 5.81
CA GLY A 115 1.98 -5.24 4.37
C GLY A 115 3.31 -4.72 3.87
N SER A 116 3.41 -4.58 2.54
CA SER A 116 4.57 -3.99 1.93
C SER A 116 4.17 -2.66 1.28
N ASN A 117 5.18 -1.86 0.97
CA ASN A 117 4.98 -0.53 0.41
C ASN A 117 6.34 -0.03 -0.02
N ASN A 118 6.34 1.09 -0.71
CA ASN A 118 7.58 1.70 -1.13
C ASN A 118 8.09 2.60 -0.03
N PHE A 119 9.38 2.86 -0.13
CA PHE A 119 10.12 3.69 0.80
C PHE A 119 10.86 4.72 -0.05
N PRO A 120 11.54 5.67 0.60
CA PRO A 120 12.24 6.69 -0.20
C PRO A 120 13.20 6.16 -1.28
N THR A 121 13.93 5.08 -1.04
CA THR A 121 14.90 4.66 -2.02
C THR A 121 14.72 3.24 -2.54
N ARG A 122 13.72 2.53 -2.04
CA ARG A 122 13.59 1.09 -2.27
C ARG A 122 12.19 0.59 -1.91
N VAL A 123 11.91 -0.67 -2.24
CA VAL A 123 10.67 -1.33 -1.83
C VAL A 123 10.87 -1.77 -0.33
N TYR A 124 9.86 -1.58 0.51
CA TYR A 124 9.96 -2.00 1.91
C TYR A 124 9.34 -3.35 1.94
N GLU A 125 10.13 -4.41 1.91
CA GLU A 125 9.53 -5.71 1.73
C GLU A 125 9.12 -6.40 3.02
N ASN A 126 7.86 -6.86 3.05
CA ASN A 126 7.27 -7.61 4.13
C ASN A 126 6.42 -8.74 3.58
N PRO A 127 7.05 -9.85 3.18
CA PRO A 127 6.30 -10.88 2.51
C PRO A 127 5.31 -11.55 3.44
N PRO A 128 4.17 -11.98 2.87
CA PRO A 128 3.12 -12.52 3.71
C PRO A 128 3.57 -13.61 4.63
N ASP A 129 4.39 -14.54 4.17
CA ASP A 129 4.81 -15.64 5.04
CA ASP A 129 4.77 -15.64 5.05
C ASP A 129 5.64 -15.13 6.23
N LEU A 130 6.51 -14.14 5.97
CA LEU A 130 7.32 -13.59 7.06
C LEU A 130 6.44 -12.85 8.09
N VAL A 131 5.47 -12.10 7.61
CA VAL A 131 4.48 -11.37 8.43
C VAL A 131 3.76 -12.34 9.40
N ASP A 132 3.40 -13.50 8.87
CA ASP A 132 2.63 -14.45 9.64
C ASP A 132 3.58 -15.11 10.60
N TRP A 133 4.81 -15.37 10.16
CA TRP A 133 5.79 -16.02 11.02
C TRP A 133 6.07 -15.14 12.26
N LEU A 134 6.24 -13.83 12.03
CA LEU A 134 6.48 -12.87 13.09
C LEU A 134 5.29 -12.69 14.03
N ALA A 135 4.09 -12.58 13.46
CA ALA A 135 2.83 -12.58 14.25
C ALA A 135 2.74 -13.82 15.16
N ALA A 136 3.05 -14.97 14.58
CA ALA A 136 3.02 -16.22 15.35
C ALA A 136 4.00 -16.17 16.51
N GLU A 137 5.19 -15.63 16.27
CA GLU A 137 6.23 -15.57 17.32
C GLU A 137 5.77 -14.60 18.40
N LEU A 139 2.57 -14.15 19.41
CA LEU A 139 1.64 -14.93 20.22
C LEU A 139 2.40 -15.84 21.12
N LYS A 140 3.41 -16.48 20.57
CA LYS A 140 4.19 -17.45 21.32
C LYS A 140 4.88 -16.84 22.54
N TYR A 141 5.30 -15.58 22.45
CA TYR A 141 6.02 -14.94 23.56
C TYR A 141 5.15 -13.87 24.24
N ASP A 142 3.83 -13.94 23.98
CA ASP A 142 2.86 -13.02 24.55
C ASP A 142 3.37 -11.60 24.40
N ILE A 143 3.78 -11.23 23.17
CA ILE A 143 4.19 -9.87 22.84
C ILE A 143 3.02 -9.14 22.23
N LYS A 144 2.75 -7.92 22.67
CA LYS A 144 1.73 -7.11 22.02
C LYS A 144 2.31 -6.37 20.80
N PRO A 145 1.71 -6.58 19.60
CA PRO A 145 2.17 -5.88 18.41
C PRO A 145 1.67 -4.45 18.35
N GLU A 146 2.49 -3.56 17.78
CA GLU A 146 2.03 -2.28 17.26
C GLU A 146 2.19 -2.37 15.75
N ILE A 147 1.08 -2.30 15.03
CA ILE A 147 1.06 -2.49 13.58
C ILE A 147 1.43 -1.15 12.95
N GLU A 148 2.56 -1.13 12.25
CA GLU A 148 3.04 0.10 11.62
C GLU A 148 2.43 0.11 10.22
N ALA A 149 1.31 0.84 10.11
CA ALA A 149 0.50 0.92 8.92
C ALA A 149 0.97 2.05 8.01
N PHE A 150 1.64 1.66 6.92
CA PHE A 150 2.12 2.58 5.88
C PHE A 150 1.11 2.85 4.76
N ASP A 151 0.02 2.07 4.72
CA ASP A 151 -1.02 2.27 3.72
C ASP A 151 -2.36 1.74 4.22
N LEU A 152 -3.44 2.16 3.56
CA LEU A 152 -4.79 1.75 3.96
C LEU A 152 -5.02 0.24 4.09
N SER A 153 -4.63 -0.55 3.09
CA SER A 153 -4.85 -2.00 3.20
C SER A 153 -4.11 -2.68 4.35
N HIS A 154 -3.09 -2.07 4.87
CA HIS A 154 -2.36 -2.67 5.99
C HIS A 154 -3.36 -2.79 7.19
N ILE A 155 -4.24 -1.78 7.31
CA ILE A 155 -5.21 -1.69 8.44
C ILE A 155 -6.25 -2.80 8.26
N LEU A 156 -6.78 -2.90 7.03
CA LEU A 156 -7.72 -3.95 6.72
C LEU A 156 -7.05 -5.35 6.91
N GLN A 157 -5.77 -5.54 6.63
CA GLN A 157 -5.17 -6.86 6.85
C GLN A 157 -5.09 -7.16 8.32
N ALA A 158 -4.78 -6.16 9.14
CA ALA A 158 -4.73 -6.31 10.61
C ALA A 158 -6.05 -6.85 11.12
N LYS A 159 -7.16 -6.34 10.57
CA LYS A 159 -8.49 -6.85 10.88
C LYS A 159 -8.66 -8.28 10.47
N ARG A 160 -8.23 -8.62 9.27
CA ARG A 160 -8.41 -10.01 8.81
C ARG A 160 -7.61 -10.92 9.70
N ALA A 162 -6.94 -10.42 12.92
CA ALA A 162 -7.61 -10.51 14.20
C ALA A 162 -8.77 -11.52 14.11
N GLY A 163 -9.49 -11.44 12.99
CA GLY A 163 -10.57 -12.35 12.67
C GLY A 163 -10.18 -13.81 12.73
N ASP A 164 -9.06 -14.18 12.11
CA ASP A 164 -8.69 -15.59 12.10
C ASP A 164 -7.70 -15.96 13.18
N GLY A 165 -7.47 -15.05 14.12
CA GLY A 165 -6.65 -15.39 15.27
C GLY A 165 -5.16 -15.15 15.13
N ARG A 166 -4.68 -14.59 14.01
CA ARG A 166 -3.24 -14.36 13.87
C ARG A 166 -2.74 -13.27 14.78
N LEU A 167 -3.53 -12.18 14.85
CA LEU A 167 -3.37 -11.12 15.80
C LEU A 167 -4.30 -11.34 17.00
N ALA A 168 -3.79 -11.23 18.23
CA ALA A 168 -4.65 -11.37 19.43
C ALA A 168 -5.37 -10.06 19.76
N GLY A 169 -6.56 -10.14 20.34
CA GLY A 169 -7.19 -8.96 20.96
C GLY A 169 -7.56 -7.92 19.91
N THR A 170 -7.45 -6.63 20.24
CA THR A 170 -7.68 -5.55 19.29
C THR A 170 -6.35 -5.02 18.77
N PRO A 171 -6.15 -5.05 17.44
CA PRO A 171 -4.89 -4.55 16.88
C PRO A 171 -4.65 -3.09 17.24
N TYR A 172 -3.44 -2.81 17.67
CA TYR A 172 -3.04 -1.46 17.97
C TYR A 172 -2.23 -0.93 16.77
N VAL A 173 -2.84 -0.04 16.01
CA VAL A 173 -2.34 0.39 14.72
C VAL A 173 -1.73 1.77 14.83
N GLN A 174 -0.58 1.94 14.21
CA GLN A 174 0.10 3.23 14.07
C GLN A 174 -0.02 3.73 12.60
N PHE A 175 -0.62 4.91 12.40
CA PHE A 175 -0.64 5.52 11.11
C PHE A 175 0.74 6.17 10.83
N VAL A 176 1.50 5.66 9.86
CA VAL A 176 2.79 6.27 9.49
C VAL A 176 2.64 7.13 8.20
N GLY A 178 4.00 10.84 5.84
CA GLY A 178 5.17 11.61 5.49
C GLY A 178 6.38 10.82 5.01
N VAL A 179 6.21 9.56 4.67
CA VAL A 179 7.30 8.76 4.12
C VAL A 179 7.28 8.92 2.58
N ARG A 180 8.40 9.36 2.00
CA ARG A 180 8.49 9.61 0.54
C ARG A 180 8.23 8.31 -0.20
N ASN A 181 7.34 8.39 -1.19
CA ASN A 181 6.89 7.23 -2.01
C ASN A 181 5.80 6.36 -1.39
N ALA A 182 5.49 6.57 -0.10
CA ALA A 182 4.39 5.86 0.61
C ALA A 182 3.22 6.83 0.83
N PRO A 184 1.58 10.23 1.97
CA PRO A 184 1.78 11.61 2.45
C PRO A 184 1.04 11.93 3.75
N ALA A 185 1.51 12.95 4.49
CA ALA A 185 0.75 13.54 5.61
C ALA A 185 -0.45 14.27 5.07
N ASP A 186 -1.56 13.58 4.86
CA ASP A 186 -2.75 14.15 4.28
C ASP A 186 -3.90 14.13 5.29
N ARG A 187 -4.55 15.25 5.55
CA ARG A 187 -5.55 15.27 6.62
C ARG A 187 -6.79 14.39 6.29
N ASP A 188 -7.28 14.51 5.06
CA ASP A 188 -8.41 13.70 4.60
C ASP A 188 -8.16 12.24 4.90
N VAL A 189 -6.98 11.73 4.51
CA VAL A 189 -6.63 10.31 4.67
C VAL A 189 -6.52 9.94 6.15
N PHE A 190 -5.92 10.84 6.93
CA PHE A 190 -5.71 10.63 8.35
C PHE A 190 -7.06 10.38 9.04
N ASP A 191 -8.03 11.23 8.71
CA ASP A 191 -9.36 11.10 9.27
C ASP A 191 -10.09 9.83 8.83
N TYR A 192 -9.81 9.36 7.61
CA TYR A 192 -10.35 8.11 7.10
C TYR A 192 -9.68 6.93 7.81
N TYR A 193 -8.42 7.07 8.12
CA TYR A 193 -7.75 6.07 8.93
C TYR A 193 -8.44 5.91 10.32
N ILE A 194 -8.82 7.03 10.93
CA ILE A 194 -9.58 7.01 12.19
C ILE A 194 -10.95 6.34 11.94
N HIS A 195 -11.75 6.87 11.01
CA HIS A 195 -13.00 6.16 10.60
C HIS A 195 -12.78 4.67 10.46
N THR A 196 -11.70 4.29 9.78
CA THR A 196 -11.39 2.88 9.54
C THR A 196 -11.11 2.05 10.85
N VAL A 197 -10.21 2.51 11.71
CA VAL A 197 -9.95 1.81 12.96
C VAL A 197 -11.23 1.69 13.79
N ARG A 198 -12.04 2.76 13.82
CA ARG A 198 -13.22 2.77 14.64
C ARG A 198 -14.24 1.76 14.18
N ARG A 199 -14.48 1.69 12.86
CA ARG A 199 -15.44 0.78 12.27
C ARG A 199 -14.98 -0.66 12.34
N LEU A 200 -13.69 -0.93 12.18
CA LEU A 200 -13.20 -2.28 12.13
C LEU A 200 -12.88 -2.85 13.50
N PHE A 201 -12.46 -1.98 14.42
CA PHE A 201 -11.94 -2.38 15.72
C PHE A 201 -12.74 -1.85 16.92
N GLY A 202 -13.54 -0.82 16.74
CA GLY A 202 -14.39 -0.32 17.82
C GLY A 202 -14.14 1.15 18.10
N GLU A 203 -15.20 1.87 18.48
CA GLU A 203 -15.10 3.30 18.72
C GLU A 203 -14.03 3.69 19.76
N ASP A 204 -13.63 2.75 20.61
CA ASP A 204 -12.66 3.05 21.67
C ASP A 204 -11.36 2.28 21.56
N ALA A 205 -11.16 1.56 20.46
CA ALA A 205 -9.90 0.87 20.23
C ALA A 205 -8.78 1.95 20.16
N PRO A 206 -7.67 1.72 20.90
CA PRO A 206 -6.54 2.67 20.84
C PRO A 206 -5.81 2.61 19.48
N TRP A 207 -5.21 3.73 19.09
CA TRP A 207 -4.37 3.82 17.88
C TRP A 207 -3.36 4.94 18.12
N CYS A 208 -2.38 5.01 17.25
CA CYS A 208 -1.40 6.10 17.30
CA CYS A 208 -1.26 5.93 17.30
C CYS A 208 -1.03 6.49 15.90
N ALA A 209 -0.22 7.53 15.78
CA ALA A 209 0.19 8.09 14.47
C ALA A 209 1.64 8.60 14.61
N ALA A 210 2.41 8.50 13.53
CA ALA A 210 3.78 9.03 13.46
C ALA A 210 4.01 9.68 12.14
N GLY A 211 4.52 10.91 12.17
CA GLY A 211 4.98 11.61 10.99
C GLY A 211 6.50 11.61 10.90
N ILE A 212 7.02 11.53 9.68
CA ILE A 212 8.44 11.57 9.42
C ILE A 212 8.87 13.01 9.10
N GLY A 213 10.05 13.41 9.60
CA GLY A 213 10.60 14.71 9.22
C GLY A 213 9.70 15.82 9.71
N PRO A 214 9.43 16.81 8.86
CA PRO A 214 8.60 17.92 9.33
C PRO A 214 7.17 17.54 9.71
N SER A 215 6.67 16.39 9.24
CA SER A 215 5.29 15.99 9.56
CA SER A 215 5.30 15.98 9.55
C SER A 215 5.17 15.45 10.98
N GLN A 216 6.31 15.24 11.64
CA GLN A 216 6.26 14.66 12.99
C GLN A 216 5.36 15.44 13.94
N ILE A 217 5.64 16.74 14.05
CA ILE A 217 4.86 17.61 14.96
C ILE A 217 3.41 17.73 14.47
N VAL A 218 3.24 17.61 13.15
CA VAL A 218 1.93 17.74 12.50
C VAL A 218 1.02 16.57 12.89
N LEU A 219 1.56 15.36 12.76
CA LEU A 219 0.87 14.16 13.14
C LEU A 219 0.70 14.08 14.67
N ASN A 220 1.63 14.69 15.43
CA ASN A 220 1.40 14.82 16.87
C ASN A 220 0.11 15.60 17.15
N GLU A 221 -0.04 16.75 16.51
CA GLU A 221 -1.26 17.55 16.68
C GLU A 221 -2.56 16.82 16.26
N TRP A 222 -2.51 16.18 15.09
CA TRP A 222 -3.64 15.47 14.53
C TRP A 222 -4.03 14.31 15.45
N ALA A 223 -3.06 13.48 15.83
CA ALA A 223 -3.35 12.39 16.73
C ALA A 223 -3.94 12.87 18.06
N ILE A 224 -3.27 13.81 18.72
CA ILE A 224 -3.62 14.27 20.07
C ILE A 224 -4.98 15.00 20.10
N SER A 225 -5.23 15.83 19.09
CA SER A 225 -6.51 16.48 19.00
C SER A 225 -7.62 15.51 18.63
N SER A 226 -7.29 14.28 18.24
CA SER A 226 -8.33 13.40 17.66
C SER A 226 -8.62 12.21 18.55
N GLY A 227 -8.04 12.21 19.73
CA GLY A 227 -8.25 11.11 20.65
C GLY A 227 -7.19 10.04 20.57
N GLY A 228 -6.24 10.21 19.66
CA GLY A 228 -5.19 9.20 19.46
C GLY A 228 -4.02 9.26 20.42
N HIS A 229 -3.11 8.30 20.32
CA HIS A 229 -1.84 8.39 21.02
C HIS A 229 -0.69 8.86 20.08
N ALA A 230 0.39 9.40 20.67
CA ALA A 230 1.45 10.09 19.88
C ALA A 230 2.81 9.36 19.87
N ARG A 231 3.40 9.26 18.69
CA ARG A 231 4.78 8.78 18.56
C ARG A 231 5.66 9.95 18.16
N THR A 232 6.86 9.99 18.75
CA THR A 232 7.87 11.02 18.36
C THR A 232 9.23 10.43 18.54
N GLY A 233 10.26 11.24 18.31
CA GLY A 233 11.61 10.68 18.43
C GLY A 233 12.54 10.97 17.27
N LEU A 234 13.83 10.83 17.55
CA LEU A 234 14.86 11.10 16.59
C LEU A 234 14.89 10.04 15.47
N GLU A 235 14.30 8.87 15.72
CA GLU A 235 14.16 7.88 14.65
C GLU A 235 13.45 8.49 13.45
N ASP A 236 12.47 9.37 13.69
CA ASP A 236 11.61 9.83 12.59
C ASP A 236 11.93 11.22 12.11
N ASN A 237 12.61 11.99 12.95
CA ASN A 237 12.86 13.39 12.70
C ASN A 237 13.91 13.93 13.66
N VAL A 238 14.89 14.68 13.16
CA VAL A 238 15.97 15.20 14.00
C VAL A 238 15.91 16.70 14.27
N ARG A 239 14.91 17.37 13.73
CA ARG A 239 14.80 18.83 13.84
C ARG A 239 13.67 19.30 14.75
N LEU A 240 13.90 20.40 15.42
CA LEU A 240 12.83 21.06 16.17
C LEU A 240 12.01 21.85 15.15
N ASP A 241 12.70 22.44 14.18
CA ASP A 241 12.05 23.24 13.17
C ASP A 241 13.02 23.51 12.01
N ARG A 242 12.53 24.33 11.06
CA ARG A 242 13.30 24.78 9.91
C ARG A 242 14.71 25.09 10.34
N ASP A 243 14.82 25.79 11.47
CA ASP A 243 16.05 26.43 11.88
C ASP A 243 16.94 25.62 12.84
N ARG A 244 16.39 24.67 13.59
CA ARG A 244 17.15 24.07 14.69
C ARG A 244 17.02 22.59 14.82
N LEU A 245 18.13 21.97 15.14
CA LEU A 245 18.18 20.55 15.46
C LEU A 245 17.60 20.30 16.86
N ALA A 246 16.91 19.17 17.07
CA ALA A 246 16.43 18.86 18.41
C ALA A 246 17.66 18.53 19.27
N PRO A 247 17.73 19.06 20.50
CA PRO A 247 18.90 18.77 21.31
C PRO A 247 18.87 17.41 22.00
N SER A 248 17.72 16.74 21.94
CA SER A 248 17.53 15.46 22.65
C SER A 248 16.21 14.84 22.21
N ASN A 249 16.07 13.53 22.40
CA ASN A 249 14.78 12.82 22.32
C ASN A 249 13.76 13.45 23.26
N ALA A 250 14.20 13.86 24.48
CA ALA A 250 13.34 14.49 25.44
C ALA A 250 12.69 15.77 24.87
N ALA A 251 13.43 16.57 24.11
CA ALA A 251 12.87 17.88 23.59
C ALA A 251 11.73 17.64 22.62
N LEU A 252 11.77 16.50 21.95
CA LEU A 252 10.73 16.13 20.97
C LEU A 252 9.47 15.68 21.76
N VAL A 253 9.64 14.80 22.77
CA VAL A 253 8.57 14.45 23.73
C VAL A 253 7.96 15.70 24.35
N GLY A 254 8.80 16.62 24.77
CA GLY A 254 8.34 17.88 25.31
C GLY A 254 7.36 18.60 24.40
N ARG A 255 7.57 18.55 23.08
CA ARG A 255 6.66 19.21 22.15
C ARG A 255 5.31 18.53 22.08
N ALA A 256 5.31 17.20 22.14
CA ALA A 256 4.10 16.41 22.27
C ALA A 256 3.38 16.74 23.57
N VAL A 257 4.13 16.89 24.66
CA VAL A 257 3.51 17.13 25.96
C VAL A 257 2.81 18.48 25.89
N GLU A 258 3.45 19.49 25.31
CA GLU A 258 2.80 20.79 25.13
C GLU A 258 1.50 20.71 24.33
N LEU A 259 1.47 19.86 23.30
CA LEU A 259 0.24 19.69 22.49
C LEU A 259 -0.92 19.03 23.28
N CYS A 260 -0.60 18.07 24.15
CA CYS A 260 -1.62 17.55 25.09
C CYS A 260 -2.21 18.67 25.97
N GLU A 261 -1.38 19.58 26.46
CA GLU A 261 -1.89 20.72 27.21
C GLU A 261 -2.78 21.54 26.32
N LYS A 262 -2.31 21.85 25.12
CA LYS A 262 -3.13 22.61 24.17
C LYS A 262 -4.53 22.02 24.06
N TYR A 263 -4.61 20.70 24.02
CA TYR A 263 -5.87 19.99 23.79
C TYR A 263 -6.50 19.41 25.05
N GLU A 264 -6.07 19.94 26.20
CA GLU A 264 -6.58 19.57 27.52
C GLU A 264 -6.69 18.07 27.72
N ARG A 265 -5.59 17.37 27.42
CA ARG A 265 -5.52 15.92 27.64
C ARG A 265 -4.31 15.70 28.50
N PRO A 266 -4.43 14.82 29.49
CA PRO A 266 -3.32 14.49 30.37
C PRO A 266 -2.38 13.48 29.73
N VAL A 267 -1.08 13.67 29.88
CA VAL A 267 -0.10 12.67 29.43
C VAL A 267 -0.34 11.38 30.22
N ALA A 268 -0.55 10.28 29.53
CA ALA A 268 -0.77 8.99 30.21
C ALA A 268 0.41 8.65 31.11
N THR A 269 0.14 8.18 32.33
CA THR A 269 1.17 7.55 33.14
C THR A 269 1.55 6.18 32.57
N TRP A 270 2.66 5.59 33.01
CA TRP A 270 3.02 4.29 32.51
C TRP A 270 2.04 3.18 32.87
N ARG A 271 1.40 3.31 34.03
CA ARG A 271 0.38 2.35 34.44
C ARG A 271 -0.87 2.47 33.59
N GLN A 272 -1.30 3.69 33.31
CA GLN A 272 -2.41 3.93 32.44
C GLN A 272 -2.11 3.37 31.03
N ALA A 273 -0.90 3.61 30.50
CA ALA A 273 -0.48 3.03 29.22
C ALA A 273 -0.54 1.51 29.22
N ARG A 274 0.07 0.87 30.22
CA ARG A 274 -0.08 -0.59 30.37
C ARG A 274 -1.56 -1.01 30.38
N GLN A 275 -2.39 -0.30 31.13
CA GLN A 275 -3.85 -0.58 31.17
C GLN A 275 -4.50 -0.43 29.78
N ILE A 276 -4.23 0.68 29.09
CA ILE A 276 -4.88 0.97 27.83
C ILE A 276 -4.53 -0.08 26.78
N LEU A 277 -3.31 -0.62 26.85
CA LEU A 277 -2.82 -1.51 25.80
C LEU A 277 -2.84 -2.96 26.19
N GLY A 278 -3.45 -3.26 27.33
CA GLY A 278 -3.64 -4.62 27.78
C GLY A 278 -2.34 -5.29 28.15
N LEU A 279 -1.35 -4.51 28.62
CA LEU A 279 -0.04 -5.11 28.92
C LEU A 279 0.05 -5.67 30.34
N ARG A 280 1.07 -6.50 30.58
CA ARG A 280 1.40 -7.06 31.88
C ARG A 280 1.84 -5.96 32.87
N VAL A 282 4.20 -4.30 35.99
CA VAL A 282 5.58 -4.37 36.50
C VAL A 282 5.51 -4.29 38.02
N GLY B 7 -26.89 8.91 -17.60
CA GLY B 7 -26.58 7.82 -18.57
C GLY B 7 -25.36 8.15 -19.41
N LYS B 8 -24.22 8.33 -18.73
CA LYS B 8 -22.90 8.60 -19.33
C LYS B 8 -22.19 7.31 -19.83
N PRO B 9 -21.51 7.37 -21.00
CA PRO B 9 -20.95 6.15 -21.57
C PRO B 9 -19.94 5.46 -20.69
N CYS B 10 -19.92 4.13 -20.78
CA CYS B 10 -19.09 3.33 -19.91
C CYS B 10 -18.12 2.51 -20.73
N ILE B 11 -16.82 2.72 -20.52
CA ILE B 11 -15.78 2.01 -21.24
C ILE B 11 -15.58 0.65 -20.58
N ILE B 12 -15.56 -0.42 -21.38
CA ILE B 12 -15.24 -1.75 -20.85
C ILE B 12 -13.87 -2.17 -21.37
N CYS B 13 -12.98 -2.42 -20.45
CA CYS B 13 -11.67 -2.94 -20.78
C CYS B 13 -11.68 -4.44 -20.60
N VAL B 14 -10.99 -5.15 -21.49
CA VAL B 14 -10.85 -6.57 -21.36
C VAL B 14 -9.40 -7.01 -21.21
N ALA B 15 -9.12 -7.70 -20.11
CA ALA B 15 -7.79 -8.16 -19.77
C ALA B 15 -7.85 -9.60 -20.17
N ILE B 16 -7.26 -9.88 -21.34
CA ILE B 16 -7.51 -11.13 -22.07
C ILE B 16 -6.77 -12.39 -21.57
N THR B 17 -5.55 -12.25 -21.05
CA THR B 17 -4.69 -13.43 -20.84
C THR B 17 -3.98 -13.43 -19.49
N GLY B 18 -3.45 -12.26 -19.09
CA GLY B 18 -2.64 -12.12 -17.90
C GLY B 18 -1.40 -13.00 -17.93
N SER B 19 -0.78 -13.17 -16.75
CA SER B 19 0.43 -13.98 -16.62
C SER B 19 0.23 -15.35 -15.90
N LEU B 20 -0.87 -15.51 -15.17
CA LEU B 20 -1.11 -16.74 -14.35
C LEU B 20 -2.09 -17.76 -14.92
N PRO B 21 -3.22 -17.30 -15.46
CA PRO B 21 -4.19 -18.29 -15.97
C PRO B 21 -3.58 -19.27 -16.97
N THR B 22 -3.94 -20.54 -16.86
CA THR B 22 -3.53 -21.54 -17.85
C THR B 22 -4.75 -22.23 -18.45
N LYS B 23 -4.49 -22.98 -19.51
CA LYS B 23 -5.55 -23.71 -20.20
C LYS B 23 -6.22 -24.70 -19.26
N GLU B 24 -5.53 -25.09 -18.20
CA GLU B 24 -6.07 -26.03 -17.23
C GLU B 24 -7.04 -25.33 -16.31
N ASN B 25 -6.71 -24.11 -15.90
CA ASN B 25 -7.70 -23.28 -15.21
C ASN B 25 -8.98 -23.19 -16.08
N ASN B 26 -8.81 -22.88 -17.36
CA ASN B 26 -9.93 -22.70 -18.26
C ASN B 26 -9.41 -22.71 -19.71
N PRO B 27 -9.87 -23.67 -20.53
CA PRO B 27 -9.35 -23.74 -21.90
C PRO B 27 -9.69 -22.49 -22.73
N ALA B 28 -10.66 -21.68 -22.28
CA ALA B 28 -10.99 -20.43 -22.99
C ALA B 28 -9.90 -19.37 -22.94
N VAL B 29 -8.94 -19.53 -22.02
CA VAL B 29 -7.83 -18.58 -21.83
C VAL B 29 -6.96 -18.55 -23.09
N PRO B 30 -6.88 -17.40 -23.75
CA PRO B 30 -6.02 -17.37 -24.94
C PRO B 30 -4.54 -17.23 -24.62
N ILE B 31 -3.78 -18.23 -25.07
CA ILE B 31 -2.33 -18.32 -24.86
C ILE B 31 -1.52 -17.99 -26.13
N THR B 32 -1.97 -18.47 -27.30
CA THR B 32 -1.24 -18.29 -28.56
C THR B 32 -1.71 -16.99 -29.21
N LEU B 33 -0.97 -16.53 -30.19
CA LEU B 33 -1.28 -15.28 -30.88
C LEU B 33 -2.65 -15.40 -31.51
N ALA B 34 -2.88 -16.52 -32.19
CA ALA B 34 -4.12 -16.77 -32.93
C ALA B 34 -5.26 -16.75 -31.93
N GLU B 35 -5.06 -17.44 -30.81
CA GLU B 35 -6.07 -17.50 -29.75
C GLU B 35 -6.41 -16.09 -29.24
N GLN B 36 -5.35 -15.29 -29.01
CA GLN B 36 -5.49 -13.94 -28.49
C GLN B 36 -6.25 -13.01 -29.42
N VAL B 37 -5.91 -13.03 -30.70
CA VAL B 37 -6.62 -12.17 -31.65
C VAL B 37 -8.07 -12.61 -31.76
N GLU B 38 -8.32 -13.90 -31.82
CA GLU B 38 -9.72 -14.34 -31.88
C GLU B 38 -10.50 -13.91 -30.63
N SER B 39 -9.90 -14.20 -29.47
CA SER B 39 -10.60 -13.96 -28.20
C SER B 39 -10.95 -12.48 -28.07
N THR B 40 -10.02 -11.60 -28.46
CA THR B 40 -10.19 -10.13 -28.40
C THR B 40 -11.20 -9.60 -29.39
N HIS B 41 -11.20 -10.20 -30.57
CA HIS B 41 -12.19 -9.90 -31.64
C HIS B 41 -13.59 -10.15 -31.12
N GLU B 42 -13.78 -11.31 -30.49
CA GLU B 42 -15.09 -11.62 -29.87
C GLU B 42 -15.42 -10.58 -28.80
N ALA B 43 -14.44 -10.26 -27.96
CA ALA B 43 -14.67 -9.31 -26.86
C ALA B 43 -14.97 -7.92 -27.42
N PHE B 44 -14.24 -7.55 -28.48
CA PHE B 44 -14.41 -6.25 -29.16
C PHE B 44 -15.85 -6.11 -29.67
N GLU B 45 -16.30 -7.11 -30.41
CA GLU B 45 -17.66 -7.17 -30.82
C GLU B 45 -18.61 -7.19 -29.63
N ALA B 46 -18.27 -7.91 -28.55
CA ALA B 46 -19.16 -7.94 -27.36
C ALA B 46 -19.27 -6.56 -26.68
N GLY B 47 -18.34 -5.64 -26.96
CA GLY B 47 -18.42 -4.29 -26.40
C GLY B 47 -17.19 -3.77 -25.62
N ALA B 48 -16.13 -4.56 -25.48
CA ALA B 48 -14.82 -4.08 -25.00
C ALA B 48 -14.21 -3.06 -25.97
N SER B 49 -13.66 -1.98 -25.43
CA SER B 49 -13.00 -0.96 -26.27
C SER B 49 -11.48 -0.83 -25.99
N ILE B 50 -11.00 -1.47 -24.92
CA ILE B 50 -9.59 -1.53 -24.60
C ILE B 50 -9.28 -3.00 -24.40
N ALA B 51 -8.15 -3.44 -24.93
CA ALA B 51 -7.56 -4.77 -24.69
C ALA B 51 -6.29 -4.58 -23.90
N HIS B 52 -6.28 -5.15 -22.67
CA HIS B 52 -5.14 -5.12 -21.81
C HIS B 52 -4.39 -6.39 -22.07
N CYS B 53 -3.15 -6.22 -22.55
CA CYS B 53 -2.43 -7.31 -23.15
C CYS B 53 -1.20 -7.80 -22.42
N HIS B 54 -1.19 -9.11 -22.17
CA HIS B 54 0.04 -9.84 -21.83
C HIS B 54 0.36 -10.79 -23.01
N VAL B 55 1.60 -11.26 -23.08
CA VAL B 55 1.94 -12.31 -24.03
C VAL B 55 2.55 -13.48 -23.30
N ARG B 56 2.49 -14.66 -23.90
CA ARG B 56 3.15 -15.83 -23.36
C ARG B 56 4.08 -16.39 -24.41
N ASP B 57 5.08 -17.15 -23.96
CA ASP B 57 6.09 -17.71 -24.84
C ASP B 57 5.54 -18.99 -25.43
N ASP B 58 6.40 -19.76 -26.09
CA ASP B 58 5.94 -20.96 -26.76
C ASP B 58 5.56 -22.11 -25.82
N GLU B 59 6.02 -22.05 -24.58
CA GLU B 59 5.59 -23.00 -23.55
C GLU B 59 4.38 -22.47 -22.82
N GLY B 60 3.97 -21.24 -23.12
CA GLY B 60 2.79 -20.67 -22.48
C GLY B 60 3.09 -19.93 -21.20
N ARG B 61 4.32 -19.47 -21.08
CA ARG B 61 4.79 -18.85 -19.85
C ARG B 61 4.85 -17.35 -20.00
N PRO B 62 4.65 -16.64 -18.90
CA PRO B 62 4.64 -15.20 -19.03
C PRO B 62 5.96 -14.70 -19.56
N THR B 63 5.92 -13.74 -20.48
CA THR B 63 7.12 -13.10 -21.02
C THR B 63 6.79 -11.65 -21.31
N SER B 64 7.84 -10.82 -21.33
CA SER B 64 7.75 -9.42 -21.73
C SER B 64 8.34 -9.22 -23.13
N ASP B 65 8.68 -10.32 -23.81
CA ASP B 65 9.29 -10.28 -25.14
C ASP B 65 8.62 -9.26 -26.09
N PRO B 66 9.38 -8.25 -26.51
CA PRO B 66 8.81 -7.20 -27.37
C PRO B 66 8.35 -7.63 -28.76
N ASP B 67 8.92 -8.68 -29.33
CA ASP B 67 8.46 -9.15 -30.65
C ASP B 67 7.08 -9.77 -30.59
N ARG B 68 6.83 -10.54 -29.53
CA ARG B 68 5.51 -11.09 -29.28
C ARG B 68 4.49 -9.97 -29.08
N PHE B 69 4.83 -8.96 -28.28
CA PHE B 69 3.91 -7.80 -28.17
C PHE B 69 3.62 -7.12 -29.51
N ALA B 70 4.66 -6.96 -30.35
CA ALA B 70 4.51 -6.31 -31.67
C ALA B 70 3.53 -7.11 -32.53
N ALA B 71 3.72 -8.44 -32.56
CA ALA B 71 2.80 -9.35 -33.29
C ALA B 71 1.36 -9.23 -32.81
N LEU B 72 1.13 -9.17 -31.50
CA LEU B 72 -0.25 -9.05 -31.01
C LEU B 72 -0.77 -7.66 -31.29
N LYS B 73 0.07 -6.65 -31.10
CA LYS B 73 -0.39 -5.28 -31.36
C LYS B 73 -0.83 -5.18 -32.83
N GLU B 74 0.00 -5.72 -33.71
CA GLU B 74 -0.27 -5.67 -35.14
C GLU B 74 -1.56 -6.43 -35.47
N GLY B 75 -1.69 -7.63 -34.94
CA GLY B 75 -2.92 -8.41 -35.11
C GLY B 75 -4.21 -7.73 -34.65
N LEU B 76 -4.14 -7.03 -33.51
CA LEU B 76 -5.32 -6.33 -33.01
C LEU B 76 -5.62 -5.08 -33.86
N GLU B 77 -4.60 -4.46 -34.41
CA GLU B 77 -4.83 -3.27 -35.22
C GLU B 77 -5.38 -3.65 -36.60
N ARG B 78 -5.00 -4.85 -37.02
CA ARG B 78 -5.53 -5.43 -38.24
C ARG B 78 -6.98 -5.82 -38.02
N HIS B 79 -7.22 -6.73 -37.09
CA HIS B 79 -8.54 -7.38 -36.96
C HIS B 79 -9.53 -6.66 -36.03
N CYS B 80 -9.00 -5.84 -35.09
CA CYS B 80 -9.86 -5.02 -34.24
C CYS B 80 -9.53 -3.57 -34.42
N PRO B 81 -9.65 -3.08 -35.66
CA PRO B 81 -9.20 -1.72 -35.88
C PRO B 81 -9.99 -0.73 -35.06
N GLY B 82 -9.31 0.27 -34.51
CA GLY B 82 -9.94 1.24 -33.62
C GLY B 82 -9.86 0.92 -32.12
N ILE B 84 -8.56 0.28 -28.55
CA ILE B 84 -7.43 0.82 -27.81
C ILE B 84 -6.55 -0.34 -27.34
N VAL B 85 -5.24 -0.27 -27.61
CA VAL B 85 -4.31 -1.35 -27.29
C VAL B 85 -3.53 -0.92 -26.06
N GLN B 86 -3.62 -1.70 -25.00
CA GLN B 86 -2.92 -1.43 -23.77
C GLN B 86 -1.92 -2.52 -23.47
N LEU B 87 -0.64 -2.18 -23.34
CA LEU B 87 0.35 -3.19 -23.08
C LEU B 87 0.70 -3.18 -21.60
N SER B 88 1.09 -4.35 -21.10
CA SER B 88 1.35 -4.58 -19.69
C SER B 88 2.83 -4.49 -19.41
N THR B 89 3.15 -3.65 -18.40
CA THR B 89 4.47 -3.54 -17.81
C THR B 89 4.56 -4.34 -16.51
N GLY B 90 3.62 -5.27 -16.34
CA GLY B 90 3.61 -6.19 -15.18
C GLY B 90 4.90 -6.87 -14.79
N GLY B 91 5.13 -6.95 -13.47
CA GLY B 91 6.34 -7.53 -12.87
C GLY B 91 6.34 -9.04 -12.63
N ARG B 92 5.16 -9.67 -12.78
CA ARG B 92 5.05 -11.14 -12.94
C ARG B 92 5.65 -11.67 -14.26
N SER B 93 5.81 -10.78 -15.25
CA SER B 93 6.22 -11.21 -16.59
C SER B 93 7.67 -10.83 -16.94
N GLY B 94 8.36 -10.14 -16.02
CA GLY B 94 9.76 -9.67 -16.20
C GLY B 94 10.26 -8.80 -15.03
N ALA B 95 11.57 -8.51 -15.00
CA ALA B 95 12.23 -7.74 -13.91
C ALA B 95 12.92 -6.50 -14.45
N GLY B 96 12.80 -5.39 -13.70
CA GLY B 96 13.53 -4.17 -14.06
C GLY B 96 13.07 -3.60 -15.38
N GLN B 97 14.01 -3.04 -16.14
CA GLN B 97 13.72 -2.36 -17.41
C GLN B 97 13.17 -3.29 -18.50
N ALA B 98 13.41 -4.60 -18.37
CA ALA B 98 12.75 -5.60 -19.20
C ALA B 98 11.26 -5.35 -19.24
N ARG B 99 10.68 -4.93 -18.11
CA ARG B 99 9.22 -4.69 -18.06
C ARG B 99 8.72 -3.51 -18.95
N GLY B 100 9.64 -2.68 -19.45
CA GLY B 100 9.31 -1.57 -20.34
C GLY B 100 9.87 -1.70 -21.75
N ALA B 101 10.50 -2.84 -22.05
CA ALA B 101 11.09 -3.11 -23.37
C ALA B 101 10.07 -3.06 -24.53
N LEU B 103 7.58 -0.77 -24.69
CA LEU B 103 7.04 0.59 -24.77
C LEU B 103 7.37 1.35 -26.07
N PRO B 104 8.57 1.14 -26.63
CA PRO B 104 8.87 1.81 -27.92
C PRO B 104 7.93 1.40 -29.09
N LEU B 105 7.11 0.35 -28.91
CA LEU B 105 6.11 -0.02 -29.93
C LEU B 105 5.07 1.07 -30.05
N CYS B 106 5.09 2.05 -29.14
CA CYS B 106 4.10 3.14 -29.13
C CYS B 106 2.62 2.67 -29.11
N PRO B 107 2.28 1.83 -28.14
CA PRO B 107 0.87 1.53 -27.99
C PRO B 107 0.09 2.72 -27.44
N ASP B 108 -1.21 2.70 -27.64
CA ASP B 108 -2.08 3.75 -27.11
C ASP B 108 -1.87 3.95 -25.62
N ALA B 110 -0.41 1.95 -21.69
CA ALA B 110 0.31 0.94 -20.92
C ALA B 110 -0.16 0.96 -19.46
N SER B 111 -0.09 -0.20 -18.83
CA SER B 111 -0.35 -0.26 -17.43
C SER B 111 0.92 0.17 -16.65
N LEU B 112 0.67 0.73 -15.48
CA LEU B 112 1.74 1.24 -14.61
C LEU B 112 1.35 1.08 -13.14
N SER B 113 2.17 0.35 -12.40
CA SER B 113 2.12 0.40 -10.94
C SER B 113 3.07 1.52 -10.48
N VAL B 114 2.59 2.30 -9.52
CA VAL B 114 3.33 3.42 -8.91
C VAL B 114 3.62 3.19 -7.40
N GLY B 115 3.21 2.04 -6.86
CA GLY B 115 3.55 1.65 -5.47
C GLY B 115 3.81 0.15 -5.39
N SER B 116 4.33 -0.34 -4.25
CA SER B 116 4.42 -1.78 -4.03
C SER B 116 3.32 -2.21 -3.02
N ASN B 117 3.15 -3.52 -2.90
CA ASN B 117 2.08 -4.09 -2.06
C ASN B 117 2.28 -5.58 -1.98
N ASN B 118 1.65 -6.22 -1.01
CA ASN B 118 1.67 -7.67 -0.99
C ASN B 118 0.69 -8.25 -2.02
N PHE B 119 1.01 -9.46 -2.46
CA PHE B 119 0.23 -10.33 -3.34
C PHE B 119 0.00 -11.63 -2.57
N PRO B 120 -0.80 -12.55 -3.16
CA PRO B 120 -1.17 -13.78 -2.46
C PRO B 120 0.03 -14.56 -1.90
N THR B 121 1.10 -14.69 -2.67
CA THR B 121 2.21 -15.53 -2.27
C THR B 121 3.53 -14.75 -2.14
N ARG B 122 3.51 -13.44 -2.33
CA ARG B 122 4.74 -12.69 -2.36
C ARG B 122 4.53 -11.18 -2.30
N VAL B 123 5.64 -10.46 -2.26
CA VAL B 123 5.62 -9.02 -2.44
C VAL B 123 5.53 -8.72 -3.93
N TYR B 124 4.71 -7.73 -4.30
CA TYR B 124 4.71 -7.22 -5.67
C TYR B 124 5.61 -5.98 -5.68
N GLU B 125 6.83 -6.13 -6.25
CA GLU B 125 7.89 -5.15 -6.13
C GLU B 125 7.85 -4.17 -7.27
N ASN B 126 7.71 -2.91 -6.92
CA ASN B 126 7.76 -1.83 -7.89
C ASN B 126 8.69 -0.74 -7.38
N PRO B 127 9.99 -1.01 -7.43
CA PRO B 127 10.90 -0.02 -6.87
C PRO B 127 10.69 1.35 -7.46
N PRO B 128 10.81 2.37 -6.64
CA PRO B 128 10.63 3.75 -7.10
C PRO B 128 11.40 4.18 -8.37
N ASP B 129 12.64 3.75 -8.51
CA ASP B 129 13.44 4.13 -9.67
C ASP B 129 12.81 3.53 -10.94
N LEU B 130 12.40 2.26 -10.87
CA LEU B 130 11.66 1.61 -11.95
C LEU B 130 10.37 2.36 -12.26
N VAL B 131 9.61 2.69 -11.23
CA VAL B 131 8.37 3.41 -11.44
C VAL B 131 8.66 4.70 -12.24
N ASP B 132 9.66 5.44 -11.82
CA ASP B 132 10.03 6.66 -12.54
C ASP B 132 10.46 6.43 -13.99
N TRP B 133 11.22 5.36 -14.21
CA TRP B 133 11.74 5.04 -15.52
C TRP B 133 10.60 4.65 -16.48
N LEU B 134 9.68 3.79 -15.99
CA LEU B 134 8.53 3.41 -16.77
C LEU B 134 7.72 4.68 -17.11
N ALA B 135 7.49 5.55 -16.13
CA ALA B 135 6.71 6.78 -16.44
C ALA B 135 7.40 7.64 -17.50
N ALA B 136 8.72 7.76 -17.43
CA ALA B 136 9.44 8.64 -18.37
C ALA B 136 9.42 8.08 -19.77
N GLU B 137 9.55 6.76 -19.88
CA GLU B 137 9.40 6.04 -21.14
C GLU B 137 8.04 6.27 -21.76
N LEU B 139 6.14 8.92 -21.25
CA LEU B 139 6.17 10.28 -21.81
C LEU B 139 6.91 10.28 -23.15
N LYS B 140 7.96 9.48 -23.25
CA LYS B 140 8.87 9.50 -24.39
C LYS B 140 8.11 9.04 -25.59
N TYR B 141 7.24 8.05 -25.43
CA TYR B 141 6.50 7.52 -26.55
C TYR B 141 5.01 7.93 -26.60
N ASP B 142 4.66 8.95 -25.84
CA ASP B 142 3.32 9.49 -25.79
C ASP B 142 2.34 8.36 -25.60
N ILE B 143 2.67 7.48 -24.65
CA ILE B 143 1.78 6.38 -24.23
C ILE B 143 0.99 6.84 -23.01
N LYS B 144 -0.33 6.63 -23.02
CA LYS B 144 -1.21 7.03 -21.90
C LYS B 144 -1.28 5.94 -20.84
N PRO B 145 -0.81 6.22 -19.60
CA PRO B 145 -0.75 5.14 -18.58
C PRO B 145 -2.09 4.83 -17.97
N GLU B 146 -2.26 3.60 -17.53
CA GLU B 146 -3.40 3.31 -16.65
C GLU B 146 -2.83 2.86 -15.32
N ILE B 147 -3.07 3.63 -14.27
CA ILE B 147 -2.43 3.34 -12.97
C ILE B 147 -3.18 2.20 -12.24
N GLU B 148 -2.53 1.06 -12.10
CA GLU B 148 -3.14 -0.03 -11.35
C GLU B 148 -2.88 0.19 -9.83
N ALA B 149 -3.82 0.92 -9.19
CA ALA B 149 -3.80 1.26 -7.76
C ALA B 149 -4.24 0.07 -6.89
N PHE B 150 -3.27 -0.54 -6.22
CA PHE B 150 -3.49 -1.66 -5.29
C PHE B 150 -3.72 -1.26 -3.82
N ASP B 151 -3.46 0.01 -3.55
CA ASP B 151 -3.64 0.57 -2.21
C ASP B 151 -3.88 2.07 -2.31
N LEU B 152 -4.33 2.70 -1.25
CA LEU B 152 -4.76 4.10 -1.34
C LEU B 152 -3.58 4.99 -1.67
N SER B 153 -2.42 4.77 -1.03
CA SER B 153 -1.24 5.69 -1.22
C SER B 153 -0.85 5.79 -2.70
N HIS B 154 -1.11 4.70 -3.44
CA HIS B 154 -0.78 4.59 -4.86
C HIS B 154 -1.50 5.66 -5.64
N ILE B 155 -2.77 5.89 -5.29
CA ILE B 155 -3.57 7.00 -5.83
C ILE B 155 -2.95 8.36 -5.51
N LEU B 156 -2.58 8.59 -4.23
CA LEU B 156 -1.90 9.82 -3.86
C LEU B 156 -0.58 10.04 -4.62
N GLN B 157 0.19 8.96 -4.81
CA GLN B 157 1.42 9.06 -5.55
C GLN B 157 1.16 9.44 -7.03
N ALA B 158 0.14 8.88 -7.66
CA ALA B 158 -0.26 9.32 -9.02
C ALA B 158 -0.52 10.84 -9.02
N LYS B 159 -1.22 11.33 -8.00
CA LYS B 159 -1.44 12.77 -7.90
C LYS B 159 -0.13 13.53 -7.78
N ARG B 160 0.82 13.03 -7.01
CA ARG B 160 2.13 13.73 -6.85
C ARG B 160 2.91 13.80 -8.15
N ALA B 162 1.62 13.57 -11.06
CA ALA B 162 0.99 14.55 -11.98
C ALA B 162 1.54 15.88 -11.62
N GLY B 163 1.60 16.15 -10.32
CA GLY B 163 2.03 17.44 -9.80
C GLY B 163 3.40 17.87 -10.26
N ASP B 164 4.33 16.91 -10.31
CA ASP B 164 5.71 17.23 -10.61
C ASP B 164 6.09 16.85 -12.04
N GLY B 165 5.09 16.45 -12.82
CA GLY B 165 5.25 16.27 -14.25
C GLY B 165 5.73 14.89 -14.62
N ARG B 166 5.87 13.96 -13.69
CA ARG B 166 6.20 12.57 -14.09
C ARG B 166 5.09 11.83 -14.89
N LEU B 167 3.83 12.17 -14.61
CA LEU B 167 2.65 11.68 -15.38
C LEU B 167 2.06 12.92 -16.03
N ALA B 168 1.58 12.75 -17.27
CA ALA B 168 0.99 13.85 -18.06
C ALA B 168 -0.52 13.97 -17.82
N GLY B 169 -1.02 15.19 -17.85
CA GLY B 169 -2.47 15.43 -17.83
C GLY B 169 -3.10 14.89 -16.57
N THR B 170 -4.22 14.19 -16.70
CA THR B 170 -4.95 13.66 -15.52
C THR B 170 -4.75 12.17 -15.48
N PRO B 171 -4.14 11.67 -14.41
CA PRO B 171 -3.94 10.21 -14.31
C PRO B 171 -5.25 9.44 -14.37
N TYR B 172 -5.24 8.33 -15.09
CA TYR B 172 -6.39 7.47 -15.17
C TYR B 172 -6.05 6.29 -14.26
N VAL B 173 -6.73 6.24 -13.13
CA VAL B 173 -6.54 5.22 -12.10
C VAL B 173 -7.60 4.12 -12.12
N GLN B 174 -7.09 2.89 -11.99
CA GLN B 174 -7.86 1.70 -11.82
C GLN B 174 -7.70 1.25 -10.38
N PHE B 175 -8.83 1.09 -9.69
CA PHE B 175 -8.84 0.55 -8.32
C PHE B 175 -8.82 -0.97 -8.41
N VAL B 176 -7.80 -1.63 -7.89
CA VAL B 176 -7.73 -3.09 -7.98
C VAL B 176 -8.06 -3.72 -6.65
N GLY B 178 -9.83 -7.15 -4.23
CA GLY B 178 -10.05 -8.60 -4.10
C GLY B 178 -8.76 -9.37 -4.22
N VAL B 179 -7.63 -8.67 -4.06
CA VAL B 179 -6.33 -9.33 -4.10
CA VAL B 179 -6.33 -9.33 -4.08
C VAL B 179 -5.92 -9.77 -2.69
N ARG B 180 -5.73 -11.07 -2.52
CA ARG B 180 -5.36 -11.61 -1.23
C ARG B 180 -4.05 -10.98 -0.79
N ASN B 181 -4.07 -10.42 0.42
CA ASN B 181 -2.91 -9.80 1.13
C ASN B 181 -2.77 -8.28 0.80
N ALA B 182 -3.63 -7.81 -0.12
CA ALA B 182 -3.61 -6.45 -0.63
C ALA B 182 -4.95 -5.83 -0.17
N PRO B 184 -8.92 -6.00 -0.05
CA PRO B 184 -10.17 -6.68 -0.36
C PRO B 184 -11.21 -5.78 -1.02
N ALA B 185 -12.26 -6.42 -1.57
CA ALA B 185 -13.39 -5.72 -2.18
C ALA B 185 -14.31 -5.18 -1.08
N ASP B 186 -14.08 -3.93 -0.67
CA ASP B 186 -14.73 -3.34 0.49
C ASP B 186 -15.42 -2.11 -0.02
N ARG B 187 -16.73 -2.02 0.18
CA ARG B 187 -17.51 -0.93 -0.40
C ARG B 187 -17.15 0.40 0.22
N ASP B 188 -16.85 0.38 1.52
CA ASP B 188 -16.49 1.62 2.19
C ASP B 188 -15.22 2.20 1.57
N VAL B 189 -14.21 1.34 1.39
CA VAL B 189 -12.91 1.78 0.82
C VAL B 189 -13.15 2.21 -0.64
N PHE B 190 -13.95 1.41 -1.38
CA PHE B 190 -14.31 1.75 -2.75
C PHE B 190 -14.87 3.17 -2.87
N ASP B 191 -15.84 3.54 -2.04
CA ASP B 191 -16.41 4.92 -2.14
C ASP B 191 -15.36 5.97 -1.77
N TYR B 192 -14.41 5.56 -0.93
CA TYR B 192 -13.38 6.47 -0.50
C TYR B 192 -12.39 6.71 -1.64
N TYR B 193 -12.05 5.63 -2.33
CA TYR B 193 -11.26 5.71 -3.57
C TYR B 193 -11.90 6.71 -4.58
N ILE B 194 -13.20 6.59 -4.76
CA ILE B 194 -13.94 7.49 -5.63
C ILE B 194 -13.82 8.90 -5.12
N HIS B 195 -14.05 9.09 -3.81
CA HIS B 195 -13.79 10.40 -3.14
C HIS B 195 -12.40 10.94 -3.42
N THR B 196 -11.38 10.08 -3.36
CA THR B 196 -9.99 10.51 -3.53
C THR B 196 -9.73 10.93 -4.97
N VAL B 197 -10.18 10.13 -5.93
CA VAL B 197 -9.93 10.42 -7.31
C VAL B 197 -10.58 11.74 -7.63
N ARG B 198 -11.82 11.92 -7.21
CA ARG B 198 -12.51 13.20 -7.49
C ARG B 198 -11.89 14.45 -6.87
N ARG B 199 -11.49 14.39 -5.60
CA ARG B 199 -10.85 15.55 -4.96
C ARG B 199 -9.45 15.84 -5.50
N LEU B 200 -8.68 14.83 -5.86
CA LEU B 200 -7.35 15.08 -6.40
C LEU B 200 -7.34 15.36 -7.88
N PHE B 201 -8.29 14.78 -8.64
CA PHE B 201 -8.21 14.88 -10.10
C PHE B 201 -9.36 15.62 -10.74
N GLY B 202 -10.47 15.75 -10.04
CA GLY B 202 -11.58 16.56 -10.49
C GLY B 202 -12.76 15.65 -10.58
N GLU B 203 -13.95 16.25 -10.47
CA GLU B 203 -15.21 15.50 -10.35
C GLU B 203 -15.48 14.61 -11.55
N ASP B 204 -14.95 14.97 -12.71
CA ASP B 204 -15.24 14.23 -13.94
C ASP B 204 -14.02 13.46 -14.49
N ALA B 205 -12.94 13.44 -13.73
CA ALA B 205 -11.80 12.62 -14.06
C ALA B 205 -12.29 11.19 -14.22
N PRO B 206 -11.98 10.54 -15.33
CA PRO B 206 -12.37 9.17 -15.43
C PRO B 206 -11.44 8.28 -14.61
N TRP B 207 -12.00 7.17 -14.16
CA TRP B 207 -11.34 6.19 -13.37
C TRP B 207 -12.05 4.91 -13.68
N CYS B 208 -11.43 3.81 -13.29
CA CYS B 208 -12.06 2.53 -13.45
C CYS B 208 -11.68 1.58 -12.30
N ALA B 209 -12.19 0.35 -12.33
CA ALA B 209 -11.85 -0.59 -11.26
C ALA B 209 -11.87 -2.02 -11.76
N ALA B 210 -11.12 -2.87 -11.08
CA ALA B 210 -11.09 -4.28 -11.43
C ALA B 210 -11.07 -5.12 -10.17
N GLY B 211 -11.93 -6.13 -10.11
CA GLY B 211 -11.86 -7.15 -9.08
C GLY B 211 -11.24 -8.45 -9.58
N ILE B 212 -10.43 -9.08 -8.73
CA ILE B 212 -9.85 -10.38 -8.99
C ILE B 212 -10.82 -11.50 -8.53
N GLY B 213 -10.90 -12.58 -9.33
CA GLY B 213 -11.78 -13.73 -9.05
C GLY B 213 -13.23 -13.33 -8.86
N PRO B 214 -13.88 -13.86 -7.80
CA PRO B 214 -15.32 -13.61 -7.57
C PRO B 214 -15.70 -12.14 -7.40
N SER B 215 -14.71 -11.28 -7.10
CA SER B 215 -14.94 -9.85 -6.93
CA SER B 215 -14.97 -9.86 -6.93
C SER B 215 -15.12 -9.16 -8.28
N GLN B 216 -14.71 -9.81 -9.39
CA GLN B 216 -14.79 -9.17 -10.73
C GLN B 216 -16.15 -8.59 -11.04
N ILE B 217 -17.18 -9.45 -10.93
CA ILE B 217 -18.54 -9.01 -11.23
C ILE B 217 -19.02 -7.96 -10.21
N VAL B 218 -18.58 -8.08 -8.96
CA VAL B 218 -18.95 -7.09 -7.94
C VAL B 218 -18.38 -5.71 -8.30
N LEU B 219 -17.09 -5.69 -8.58
CA LEU B 219 -16.45 -4.46 -8.95
C LEU B 219 -17.00 -3.87 -10.25
N ASN B 220 -17.43 -4.73 -11.19
CA ASN B 220 -18.13 -4.25 -12.34
C ASN B 220 -19.36 -3.47 -11.94
N GLU B 221 -20.14 -4.01 -11.00
CA GLU B 221 -21.38 -3.32 -10.61
C GLU B 221 -21.07 -2.05 -9.86
N TRP B 222 -20.12 -2.11 -8.95
CA TRP B 222 -19.79 -0.90 -8.19
C TRP B 222 -19.39 0.22 -9.11
N ALA B 223 -18.47 -0.10 -10.04
CA ALA B 223 -17.89 0.90 -10.96
C ALA B 223 -18.95 1.44 -11.87
N ILE B 224 -19.70 0.53 -12.50
CA ILE B 224 -20.74 0.92 -13.46
C ILE B 224 -21.83 1.78 -12.82
N SER B 225 -22.27 1.37 -11.63
CA SER B 225 -23.32 2.10 -10.94
C SER B 225 -22.85 3.45 -10.39
N SER B 226 -21.55 3.69 -10.29
CA SER B 226 -21.02 4.93 -9.71
C SER B 226 -20.45 5.94 -10.71
N GLY B 227 -20.56 5.69 -12.00
CA GLY B 227 -19.98 6.59 -13.01
C GLY B 227 -18.58 6.21 -13.50
N GLY B 228 -18.03 5.13 -12.99
CA GLY B 228 -16.70 4.70 -13.41
C GLY B 228 -16.77 3.79 -14.63
N HIS B 229 -15.60 3.33 -15.04
CA HIS B 229 -15.44 2.47 -16.21
C HIS B 229 -15.03 1.11 -15.64
N ALA B 230 -15.17 0.04 -16.43
CA ALA B 230 -15.04 -1.30 -15.89
C ALA B 230 -13.99 -2.09 -16.59
N ARG B 231 -13.29 -2.93 -15.87
CA ARG B 231 -12.44 -3.93 -16.46
C ARG B 231 -12.95 -5.35 -16.10
N THR B 232 -12.87 -6.27 -17.07
CA THR B 232 -13.13 -7.66 -16.82
C THR B 232 -12.16 -8.49 -17.68
N GLY B 233 -12.31 -9.81 -17.64
CA GLY B 233 -11.56 -10.71 -18.54
C GLY B 233 -10.96 -11.88 -17.81
N LEU B 234 -10.52 -12.88 -18.57
CA LEU B 234 -9.92 -14.07 -18.00
C LEU B 234 -8.64 -13.83 -17.20
N GLU B 235 -7.91 -12.76 -17.47
CA GLU B 235 -6.71 -12.45 -16.71
C GLU B 235 -7.01 -12.38 -15.20
N ASP B 236 -8.16 -11.83 -14.87
CA ASP B 236 -8.55 -11.60 -13.49
C ASP B 236 -9.42 -12.69 -12.85
N ASN B 237 -10.17 -13.41 -13.67
CA ASN B 237 -11.19 -14.36 -13.18
C ASN B 237 -11.58 -15.27 -14.30
N VAL B 238 -11.55 -16.59 -14.07
CA VAL B 238 -11.92 -17.53 -15.13
C VAL B 238 -13.36 -18.11 -15.02
N ARG B 239 -14.14 -17.66 -14.04
CA ARG B 239 -15.46 -18.24 -13.76
C ARG B 239 -16.62 -17.31 -14.02
N LEU B 240 -17.76 -17.90 -14.39
CA LEU B 240 -19.04 -17.19 -14.49
C LEU B 240 -19.71 -17.07 -13.10
N ASP B 241 -19.58 -18.14 -12.31
CA ASP B 241 -20.01 -18.17 -10.92
C ASP B 241 -19.20 -19.28 -10.27
N ARG B 242 -19.51 -19.61 -9.01
CA ARG B 242 -18.68 -20.52 -8.25
C ARG B 242 -18.45 -21.79 -8.99
N ASP B 243 -19.48 -22.27 -9.69
CA ASP B 243 -19.52 -23.64 -10.17
C ASP B 243 -19.37 -23.77 -11.69
N ARG B 244 -19.08 -22.66 -12.39
CA ARG B 244 -19.13 -22.62 -13.86
C ARG B 244 -17.99 -21.81 -14.45
N LEU B 245 -17.24 -22.41 -15.38
CA LEU B 245 -16.21 -21.66 -16.12
C LEU B 245 -16.85 -20.73 -17.12
N ALA B 246 -16.19 -19.59 -17.35
CA ALA B 246 -16.53 -18.69 -18.44
C ALA B 246 -16.02 -19.28 -19.75
N PRO B 247 -16.87 -19.28 -20.78
CA PRO B 247 -16.49 -19.83 -22.07
C PRO B 247 -15.58 -18.93 -22.91
N SER B 248 -15.64 -17.63 -22.70
CA SER B 248 -14.84 -16.72 -23.52
C SER B 248 -14.62 -15.45 -22.72
N ASN B 249 -13.67 -14.62 -23.17
CA ASN B 249 -13.54 -13.24 -22.66
C ASN B 249 -14.80 -12.42 -22.99
N ALA B 250 -15.37 -12.68 -24.16
CA ALA B 250 -16.62 -12.05 -24.60
C ALA B 250 -17.79 -12.31 -23.63
N ALA B 251 -17.83 -13.50 -23.04
CA ALA B 251 -18.91 -13.83 -22.07
C ALA B 251 -18.77 -12.87 -20.86
N LEU B 252 -17.54 -12.73 -20.36
CA LEU B 252 -17.31 -11.78 -19.25
C LEU B 252 -17.70 -10.35 -19.64
N VAL B 253 -17.37 -9.93 -20.87
CA VAL B 253 -17.71 -8.58 -21.34
C VAL B 253 -19.23 -8.41 -21.36
N GLY B 254 -19.93 -9.44 -21.85
CA GLY B 254 -21.38 -9.45 -21.85
C GLY B 254 -21.95 -9.20 -20.47
N ARG B 255 -21.42 -9.91 -19.47
CA ARG B 255 -21.86 -9.66 -18.07
C ARG B 255 -21.73 -8.18 -17.68
N ALA B 256 -20.67 -7.50 -18.12
CA ALA B 256 -20.55 -6.05 -17.85
C ALA B 256 -21.56 -5.23 -18.64
N VAL B 257 -21.80 -5.63 -19.89
CA VAL B 257 -22.76 -4.90 -20.71
C VAL B 257 -24.15 -4.99 -20.07
N GLU B 258 -24.50 -6.18 -19.57
CA GLU B 258 -25.78 -6.38 -18.84
C GLU B 258 -25.88 -5.37 -17.71
N LEU B 259 -24.76 -5.14 -17.02
CA LEU B 259 -24.76 -4.21 -15.87
C LEU B 259 -24.94 -2.78 -16.37
N CYS B 260 -24.32 -2.46 -17.51
CA CYS B 260 -24.55 -1.14 -18.11
C CYS B 260 -26.03 -0.94 -18.43
N GLU B 261 -26.67 -1.97 -18.99
CA GLU B 261 -28.11 -1.92 -19.28
CA GLU B 261 -28.12 -1.90 -19.27
C GLU B 261 -28.86 -1.70 -17.97
N LYS B 262 -28.50 -2.47 -16.95
CA LYS B 262 -29.17 -2.34 -15.68
C LYS B 262 -29.11 -0.91 -15.16
N TYR B 263 -27.94 -0.29 -15.25
CA TYR B 263 -27.79 1.06 -14.70
C TYR B 263 -28.00 2.14 -15.73
N GLU B 264 -28.56 1.77 -16.88
CA GLU B 264 -28.96 2.73 -17.91
C GLU B 264 -27.79 3.57 -18.45
N ARG B 265 -26.64 2.93 -18.61
CA ARG B 265 -25.51 3.58 -19.22
C ARG B 265 -25.17 2.90 -20.53
N PRO B 266 -25.00 3.69 -21.58
CA PRO B 266 -24.55 3.11 -22.82
C PRO B 266 -23.13 2.60 -22.73
N VAL B 267 -22.86 1.54 -23.48
CA VAL B 267 -21.50 1.05 -23.61
C VAL B 267 -20.69 1.93 -24.55
N ALA B 268 -19.60 2.50 -24.04
CA ALA B 268 -18.72 3.36 -24.87
C ALA B 268 -18.20 2.61 -26.10
N THR B 269 -18.40 3.19 -27.28
CA THR B 269 -17.73 2.73 -28.51
C THR B 269 -16.24 3.02 -28.40
N TRP B 270 -15.43 2.35 -29.23
CA TRP B 270 -13.97 2.61 -29.19
C TRP B 270 -13.67 4.07 -29.49
N ARG B 271 -14.50 4.71 -30.31
CA ARG B 271 -14.33 6.14 -30.58
C ARG B 271 -14.54 6.98 -29.35
N GLN B 272 -15.65 6.75 -28.67
CA GLN B 272 -15.93 7.42 -27.40
C GLN B 272 -14.80 7.18 -26.37
N ALA B 273 -14.33 5.93 -26.24
CA ALA B 273 -13.28 5.60 -25.27
C ALA B 273 -12.05 6.49 -25.58
N ARG B 274 -11.66 6.54 -26.84
CA ARG B 274 -10.57 7.41 -27.27
C ARG B 274 -10.81 8.87 -26.91
N GLN B 275 -12.01 9.38 -27.15
CA GLN B 275 -12.32 10.78 -26.79
C GLN B 275 -12.15 11.01 -25.27
N ILE B 276 -12.70 10.08 -24.48
CA ILE B 276 -12.77 10.19 -23.03
C ILE B 276 -11.39 10.11 -22.41
N LEU B 277 -10.54 9.25 -22.96
CA LEU B 277 -9.21 9.05 -22.41
C LEU B 277 -8.15 9.90 -23.12
N GLY B 278 -8.53 10.79 -24.03
CA GLY B 278 -7.54 11.67 -24.69
C GLY B 278 -6.56 10.93 -25.59
N LEU B 279 -7.04 9.90 -26.29
CA LEU B 279 -6.16 9.08 -27.12
C LEU B 279 -6.15 9.62 -28.55
N ARG B 280 -5.14 9.21 -29.33
CA ARG B 280 -5.10 9.54 -30.76
CA ARG B 280 -5.11 9.56 -30.75
C ARG B 280 -6.35 8.95 -31.38
N VAL B 282 -7.75 7.01 -34.24
CA VAL B 282 -6.95 6.00 -34.89
C VAL B 282 -7.85 4.95 -35.42
#